data_2REO
#
_entry.id   2REO
#
_cell.length_a   93.230
_cell.length_b   93.230
_cell.length_c   146.430
_cell.angle_alpha   90.000
_cell.angle_beta   90.000
_cell.angle_gamma   120.000
#
_symmetry.space_group_name_H-M   'P 61 2 2'
#
loop_
_entity.id
_entity.type
_entity.pdbx_description
1 polymer 'Putative sulfotransferase 1C3'
2 non-polymer "ADENOSINE-3'-5'-DIPHOSPHATE"
#
_entity_poly.entity_id   1
_entity_poly.type   'polypeptide(L)'
_entity_poly.pdbx_seq_one_letter_code
;GMAKIEKNAPTMEKKPELFNIMEVDGVPTLILSKEWWEKVANFQAKPDDLILATYPKSGTTWMHEILDMILNDGDVEKCK
RAQTLDRHAFLELKFPHKEKPDLEFVLEMSSPQLIKTHLPSHLIPPSIWKENCKIVYVARNPKDCLVSYYHFHRMASFMP
DPQNLEEFYEKFMSGKVVGGSWFDHVKGWWAAKDMHRILYLFYEDIKKDPKREIEKILKFLEKDISEEILNKIIYHTSFD
VMKQNPMTNYTTLPTSIMDHSISPFMRKGMPGDWKNYFTVAQNEEFDKDYQKKMAGSTLTFRTEI
;
_entity_poly.pdbx_strand_id   A
#
loop_
_chem_comp.id
_chem_comp.type
_chem_comp.name
_chem_comp.formula
A3P RNA linking ADENOSINE-3'-5'-DIPHOSPHATE 'C10 H15 N5 O10 P2'
#
# COMPACT_ATOMS: atom_id res chain seq x y z
N PHE A 43 -4.96 -11.62 21.04
CA PHE A 43 -3.70 -11.78 20.26
C PHE A 43 -2.50 -11.29 21.07
N GLN A 44 -1.70 -12.22 21.59
CA GLN A 44 -0.45 -11.89 22.30
C GLN A 44 0.69 -11.65 21.30
N ALA A 45 1.19 -10.43 21.25
CA ALA A 45 2.27 -10.05 20.33
C ALA A 45 3.64 -10.25 20.97
N LYS A 46 4.63 -10.53 20.13
CA LYS A 46 6.00 -10.76 20.58
C LYS A 46 6.85 -9.53 20.26
N PRO A 47 7.70 -9.08 21.20
CA PRO A 47 8.48 -7.84 21.03
C PRO A 47 9.22 -7.69 19.69
N ASP A 48 9.62 -8.82 19.10
CA ASP A 48 10.44 -8.86 17.89
C ASP A 48 9.62 -8.89 16.60
N ASP A 49 8.32 -9.13 16.71
CA ASP A 49 7.49 -9.23 15.53
C ASP A 49 7.55 -7.91 14.79
N LEU A 50 7.68 -8.02 13.47
CA LEU A 50 7.66 -6.87 12.58
C LEU A 50 6.32 -6.85 11.85
N ILE A 51 5.63 -5.72 11.91
CA ILE A 51 4.31 -5.62 11.31
C ILE A 51 4.28 -4.73 10.08
N LEU A 52 3.74 -5.27 8.99
CA LEU A 52 3.48 -4.50 7.75
C LEU A 52 1.98 -4.10 7.70
N ALA A 53 1.72 -2.81 7.68
CA ALA A 53 0.34 -2.29 7.72
C ALA A 53 0.08 -1.42 6.50
N THR A 54 -0.94 -1.74 5.73
CA THR A 54 -1.35 -0.92 4.58
C THR A 54 -2.86 -0.88 4.44
N TYR A 55 -3.36 0.16 3.78
CA TYR A 55 -4.72 0.13 3.24
C TYR A 55 -4.57 -0.62 1.92
N PRO A 56 -5.59 -1.38 1.49
CA PRO A 56 -5.41 -2.14 0.25
C PRO A 56 -4.92 -1.32 -0.94
N LYS A 57 -4.13 -1.98 -1.81
CA LYS A 57 -3.66 -1.46 -3.08
C LYS A 57 -2.68 -0.34 -2.91
N SER A 58 -1.95 -0.39 -1.81
CA SER A 58 -1.03 0.68 -1.49
C SER A 58 0.44 0.25 -1.45
N GLY A 59 0.72 -1.04 -1.70
CA GLY A 59 2.08 -1.55 -1.66
C GLY A 59 2.31 -2.69 -0.71
N THR A 60 1.25 -3.43 -0.35
CA THR A 60 1.44 -4.62 0.50
C THR A 60 2.41 -5.62 -0.10
N THR A 61 2.07 -6.11 -1.28
CA THR A 61 2.90 -7.13 -1.93
C THR A 61 4.30 -6.64 -2.13
N TRP A 62 4.44 -5.38 -2.54
CA TRP A 62 5.74 -4.84 -2.83
C TRP A 62 6.58 -4.81 -1.59
N MET A 63 6.04 -4.21 -0.55
CA MET A 63 6.77 -4.01 0.67
C MET A 63 6.99 -5.33 1.42
N HIS A 64 6.10 -6.31 1.24
CA HIS A 64 6.25 -7.59 1.91
C HIS A 64 7.50 -8.25 1.33
N GLU A 65 7.67 -8.12 0.03
CA GLU A 65 8.86 -8.63 -0.60
C GLU A 65 10.15 -7.92 -0.14
N ILE A 66 10.10 -6.60 0.03
CA ILE A 66 11.28 -5.88 0.48
C ILE A 66 11.62 -6.42 1.86
N LEU A 67 10.64 -6.38 2.76
CA LEU A 67 10.87 -6.78 4.13
C LEU A 67 11.28 -8.25 4.24
N ASP A 68 10.69 -9.09 3.40
CA ASP A 68 11.06 -10.51 3.32
C ASP A 68 12.57 -10.67 3.14
N MET A 69 13.11 -10.06 2.08
CA MET A 69 14.54 -10.18 1.73
C MET A 69 15.47 -9.57 2.78
N ILE A 70 15.13 -8.39 3.27
CA ILE A 70 15.93 -7.73 4.28
C ILE A 70 16.08 -8.66 5.47
N LEU A 71 14.96 -9.19 5.93
CA LEU A 71 14.99 -10.11 7.07
C LEU A 71 15.85 -11.37 6.81
N ASN A 72 16.12 -11.67 5.53
CA ASN A 72 17.09 -12.72 5.11
C ASN A 72 18.24 -12.12 4.25
N GLN A 113 9.68 -12.87 12.49
CA GLN A 113 8.25 -12.99 12.21
C GLN A 113 7.66 -11.71 11.56
N LEU A 114 7.15 -11.85 10.33
CA LEU A 114 6.58 -10.73 9.57
C LEU A 114 5.08 -10.89 9.45
N ILE A 115 4.34 -10.03 10.13
CA ILE A 115 2.87 -10.08 10.11
C ILE A 115 2.34 -8.89 9.33
N LYS A 116 1.41 -9.15 8.41
CA LYS A 116 0.75 -8.06 7.70
C LYS A 116 -0.74 -7.90 8.07
N THR A 117 -1.23 -6.67 7.92
CA THR A 117 -2.56 -6.30 8.36
C THR A 117 -3.06 -5.12 7.56
N HIS A 118 -4.37 -5.05 7.37
CA HIS A 118 -5.02 -3.91 6.72
C HIS A 118 -5.89 -3.15 7.75
N LEU A 119 -5.82 -3.54 9.01
CA LEU A 119 -6.56 -2.87 10.08
C LEU A 119 -6.22 -1.38 10.20
N PRO A 120 -7.22 -0.54 10.49
CA PRO A 120 -6.94 0.87 10.85
C PRO A 120 -6.37 0.98 12.26
N SER A 121 -5.53 2.00 12.50
CA SER A 121 -4.79 2.10 13.77
C SER A 121 -5.64 1.83 14.98
N HIS A 122 -6.84 2.40 15.02
CA HIS A 122 -7.73 2.24 16.19
C HIS A 122 -8.22 0.79 16.43
N LEU A 123 -7.93 -0.16 15.53
CA LEU A 123 -8.35 -1.56 15.71
C LEU A 123 -7.19 -2.56 15.85
N ILE A 124 -5.96 -2.08 15.81
CA ILE A 124 -4.79 -2.91 16.12
C ILE A 124 -4.96 -3.47 17.53
N PRO A 125 -4.62 -4.76 17.74
CA PRO A 125 -4.77 -5.33 19.09
C PRO A 125 -3.84 -4.65 20.08
N PRO A 126 -4.30 -4.39 21.32
CA PRO A 126 -3.51 -3.57 22.25
C PRO A 126 -2.18 -4.22 22.59
N SER A 127 -2.12 -5.54 22.50
CA SER A 127 -0.89 -6.28 22.68
C SER A 127 0.26 -5.74 21.83
N ILE A 128 -0.05 -5.35 20.60
CA ILE A 128 0.95 -4.90 19.64
C ILE A 128 1.59 -3.57 20.06
N TRP A 129 0.81 -2.70 20.71
CA TRP A 129 1.34 -1.42 21.22
C TRP A 129 2.18 -1.68 22.46
N LYS A 130 1.60 -2.34 23.47
CA LYS A 130 2.30 -2.63 24.74
C LYS A 130 3.67 -3.30 24.53
N GLU A 131 3.76 -4.22 23.56
CA GLU A 131 5.04 -4.87 23.23
C GLU A 131 6.01 -3.97 22.42
N ASN A 132 5.50 -2.85 21.92
CA ASN A 132 6.30 -1.87 21.17
C ASN A 132 6.90 -2.44 19.86
N CYS A 133 6.15 -3.37 19.23
CA CYS A 133 6.48 -3.89 17.90
C CYS A 133 6.75 -2.76 16.92
N LYS A 134 7.79 -2.97 16.13
CA LYS A 134 8.10 -2.13 15.01
C LYS A 134 7.09 -2.40 13.94
N ILE A 135 6.67 -1.32 13.28
CA ILE A 135 5.62 -1.34 12.29
C ILE A 135 6.09 -0.57 11.09
N VAL A 136 5.99 -1.15 9.91
CA VAL A 136 6.18 -0.39 8.67
C VAL A 136 4.79 -0.14 8.09
N TYR A 137 4.46 1.13 7.85
CA TYR A 137 3.18 1.48 7.21
C TYR A 137 3.50 2.02 5.86
N VAL A 138 2.71 1.61 4.85
CA VAL A 138 2.85 2.23 3.52
C VAL A 138 1.53 2.88 3.08
N ALA A 139 1.62 4.18 2.80
CA ALA A 139 0.52 4.93 2.25
C ALA A 139 0.78 5.23 0.75
N ARG A 140 -0.32 5.39 0.00
CA ARG A 140 -0.29 5.71 -1.42
C ARG A 140 -1.24 6.82 -1.75
N ASN A 141 -0.87 7.67 -2.71
CA ASN A 141 -1.77 8.77 -3.03
C ASN A 141 -3.08 8.17 -3.40
N PRO A 142 -4.17 8.78 -2.98
CA PRO A 142 -5.48 8.15 -3.07
C PRO A 142 -6.02 8.03 -4.50
N LYS A 143 -5.53 8.82 -5.45
CA LYS A 143 -6.01 8.71 -6.81
C LYS A 143 -5.52 7.38 -7.43
N ASP A 144 -4.24 7.10 -7.28
CA ASP A 144 -3.72 5.83 -7.82
C ASP A 144 -4.29 4.65 -7.05
N CYS A 145 -4.38 4.79 -5.74
CA CYS A 145 -4.99 3.76 -4.90
C CYS A 145 -6.40 3.45 -5.37
N LEU A 146 -7.19 4.50 -5.60
CA LEU A 146 -8.57 4.33 -6.08
C LEU A 146 -8.61 3.57 -7.41
N VAL A 147 -7.74 3.95 -8.33
CA VAL A 147 -7.75 3.38 -9.66
C VAL A 147 -7.31 1.92 -9.61
N SER A 148 -6.19 1.67 -8.92
CA SER A 148 -5.74 0.32 -8.60
C SER A 148 -6.81 -0.51 -7.94
N TYR A 149 -7.54 0.06 -6.99
CA TYR A 149 -8.59 -0.72 -6.30
C TYR A 149 -9.77 -1.02 -7.23
N TYR A 150 -10.04 -0.13 -8.20
CA TYR A 150 -11.12 -0.32 -9.19
C TYR A 150 -10.84 -1.51 -10.08
N HIS A 151 -9.70 -1.47 -10.76
CA HIS A 151 -9.32 -2.54 -11.68
C HIS A 151 -9.25 -3.89 -10.98
N PHE A 152 -8.70 -3.89 -9.77
CA PHE A 152 -8.66 -5.09 -8.93
C PHE A 152 -10.04 -5.63 -8.68
N HIS A 153 -10.98 -4.75 -8.33
CA HIS A 153 -12.39 -5.16 -8.21
C HIS A 153 -12.85 -5.85 -9.49
N ARG A 154 -12.55 -5.26 -10.66
CA ARG A 154 -12.93 -5.86 -11.97
C ARG A 154 -12.46 -7.33 -12.12
N MET A 155 -11.26 -7.64 -11.62
CA MET A 155 -10.61 -8.94 -11.86
C MET A 155 -10.76 -9.96 -10.72
N ALA A 156 -11.18 -9.53 -9.53
CA ALA A 156 -11.37 -10.44 -8.38
C ALA A 156 -12.82 -10.89 -8.23
N SER A 157 -13.04 -12.21 -8.24
CA SER A 157 -14.37 -12.80 -8.07
C SER A 157 -14.97 -12.48 -6.72
N PHE A 158 -14.14 -12.56 -5.66
CA PHE A 158 -14.63 -12.38 -4.29
C PHE A 158 -14.94 -10.91 -3.92
N MET A 159 -14.51 -9.97 -4.78
CA MET A 159 -14.79 -8.55 -4.64
C MET A 159 -16.07 -8.13 -5.39
N PRO A 160 -16.88 -7.22 -4.80
CA PRO A 160 -18.06 -6.61 -5.41
C PRO A 160 -17.84 -6.07 -6.82
N ASP A 161 -18.90 -6.00 -7.60
CA ASP A 161 -18.85 -5.40 -8.92
C ASP A 161 -18.63 -3.89 -8.75
N PRO A 162 -17.57 -3.34 -9.38
CA PRO A 162 -17.35 -1.89 -9.30
C PRO A 162 -18.19 -1.08 -10.30
N GLN A 163 -18.79 -1.77 -11.29
CA GLN A 163 -19.72 -1.16 -12.28
C GLN A 163 -19.01 -0.14 -13.19
N ASN A 164 -18.78 1.05 -12.66
CA ASN A 164 -18.11 2.14 -13.36
C ASN A 164 -17.09 2.76 -12.47
N LEU A 165 -16.06 3.34 -13.07
CA LEU A 165 -15.12 4.17 -12.33
C LEU A 165 -15.85 5.34 -11.61
N GLU A 166 -16.94 5.81 -12.22
CA GLU A 166 -17.72 6.91 -11.67
C GLU A 166 -18.48 6.46 -10.43
N GLU A 167 -19.17 5.32 -10.53
CA GLU A 167 -19.85 4.74 -9.39
C GLU A 167 -18.84 4.35 -8.32
N PHE A 168 -17.71 3.79 -8.74
CA PHE A 168 -16.71 3.34 -7.82
C PHE A 168 -16.12 4.50 -7.05
N TYR A 169 -15.87 5.61 -7.75
CA TYR A 169 -15.35 6.81 -7.12
C TYR A 169 -16.24 7.24 -5.94
N GLU A 170 -17.55 7.31 -6.17
CA GLU A 170 -18.51 7.73 -5.13
C GLU A 170 -18.40 6.87 -3.87
N LYS A 171 -18.31 5.56 -4.06
CA LYS A 171 -18.23 4.62 -2.95
C LYS A 171 -16.83 4.64 -2.29
N PHE A 172 -15.78 4.86 -3.08
CA PHE A 172 -14.41 4.95 -2.53
C PHE A 172 -14.30 6.18 -1.65
N MET A 173 -14.79 7.32 -2.14
CA MET A 173 -14.71 8.57 -1.38
C MET A 173 -15.58 8.52 -0.14
N SER A 174 -16.70 7.80 -0.20
CA SER A 174 -17.59 7.63 0.96
C SER A 174 -16.97 6.67 2.01
N GLY A 175 -16.00 5.87 1.58
CA GLY A 175 -15.46 4.79 2.41
C GLY A 175 -16.45 3.62 2.55
N LYS A 176 -17.32 3.45 1.52
CA LYS A 176 -18.24 2.32 1.46
C LYS A 176 -17.64 1.25 0.52
N VAL A 177 -16.39 0.86 0.78
CA VAL A 177 -15.71 -0.23 0.09
C VAL A 177 -15.08 -1.17 1.10
N VAL A 178 -14.88 -2.42 0.71
CA VAL A 178 -14.13 -3.33 1.55
C VAL A 178 -12.87 -2.63 2.03
N GLY A 179 -12.62 -2.73 3.34
CA GLY A 179 -11.52 -2.00 3.99
C GLY A 179 -11.95 -0.66 4.56
N GLY A 180 -13.14 -0.18 4.23
CA GLY A 180 -13.57 1.17 4.65
C GLY A 180 -12.76 2.34 4.05
N SER A 181 -12.84 3.50 4.74
CA SER A 181 -12.29 4.77 4.27
C SER A 181 -10.77 4.86 4.20
N TRP A 182 -10.25 5.10 3.01
CA TRP A 182 -8.83 5.31 2.85
C TRP A 182 -8.38 6.44 3.77
N PHE A 183 -9.17 7.50 3.76
CA PHE A 183 -8.88 8.73 4.50
C PHE A 183 -8.66 8.49 5.97
N ASP A 184 -9.59 7.82 6.61
CA ASP A 184 -9.41 7.50 8.01
C ASP A 184 -8.20 6.61 8.22
N HIS A 185 -7.91 5.75 7.25
CA HIS A 185 -6.86 4.77 7.41
C HIS A 185 -5.54 5.48 7.54
N VAL A 186 -5.25 6.32 6.57
CA VAL A 186 -3.95 6.91 6.40
C VAL A 186 -3.70 7.98 7.43
N LYS A 187 -4.74 8.70 7.77
CA LYS A 187 -4.66 9.71 8.83
C LYS A 187 -4.45 9.07 10.20
N GLY A 188 -5.25 8.07 10.53
CA GLY A 188 -5.11 7.43 11.82
C GLY A 188 -3.69 6.90 12.04
N TRP A 189 -3.15 6.23 11.02
CA TRP A 189 -1.78 5.72 11.13
C TRP A 189 -0.76 6.86 11.16
N TRP A 190 -0.99 7.92 10.38
CA TRP A 190 -0.15 9.12 10.47
C TRP A 190 -0.09 9.64 11.90
N ALA A 191 -1.24 9.80 12.56
CA ALA A 191 -1.25 10.28 13.95
C ALA A 191 -0.62 9.28 14.93
N ALA A 192 -0.78 7.99 14.66
CA ALA A 192 -0.35 6.96 15.57
C ALA A 192 1.16 6.95 15.72
N LYS A 193 1.85 7.50 14.72
CA LYS A 193 3.31 7.48 14.72
C LYS A 193 3.94 8.50 15.70
N ASP A 194 3.11 9.32 16.34
CA ASP A 194 3.59 10.24 17.35
C ASP A 194 3.84 9.50 18.67
N MET A 195 3.20 8.35 18.86
CA MET A 195 3.26 7.61 20.14
C MET A 195 3.91 6.26 19.98
N HIS A 196 4.05 5.78 18.76
CA HIS A 196 4.32 4.38 18.50
C HIS A 196 5.44 4.19 17.46
N ARG A 197 6.21 3.10 17.62
CA ARG A 197 7.33 2.79 16.76
C ARG A 197 6.82 2.39 15.38
N ILE A 198 6.63 3.40 14.53
CA ILE A 198 6.09 3.27 13.18
C ILE A 198 6.99 3.99 12.19
N LEU A 199 7.40 3.30 11.12
CA LEU A 199 8.04 3.94 9.97
C LEU A 199 6.99 4.04 8.91
N TYR A 200 6.67 5.29 8.54
CA TYR A 200 5.54 5.59 7.66
C TYR A 200 6.13 5.96 6.32
N LEU A 201 5.94 5.11 5.31
CA LEU A 201 6.56 5.31 4.00
C LEU A 201 5.52 5.58 2.95
N PHE A 202 5.97 6.08 1.81
CA PHE A 202 5.08 6.44 0.70
C PHE A 202 5.40 5.67 -0.55
N TYR A 203 4.40 4.95 -1.04
CA TYR A 203 4.51 4.22 -2.30
C TYR A 203 5.33 5.04 -3.28
N GLU A 204 4.99 6.29 -3.44
CA GLU A 204 5.65 7.13 -4.44
C GLU A 204 7.12 7.42 -4.14
N ASP A 205 7.48 7.54 -2.86
CA ASP A 205 8.88 7.76 -2.51
C ASP A 205 9.71 6.50 -2.85
N ILE A 206 9.12 5.34 -2.63
CA ILE A 206 9.76 4.06 -2.96
C ILE A 206 10.00 3.93 -4.49
N LYS A 207 9.03 4.34 -5.30
CA LYS A 207 9.24 4.35 -6.75
C LYS A 207 10.36 5.28 -7.11
N LYS A 208 10.31 6.52 -6.60
CA LYS A 208 11.28 7.56 -7.01
C LYS A 208 12.71 7.22 -6.63
N ASP A 209 12.90 6.69 -5.43
CA ASP A 209 14.23 6.40 -4.89
C ASP A 209 14.15 5.18 -3.93
N PRO A 210 14.15 3.96 -4.46
CA PRO A 210 14.09 2.82 -3.58
C PRO A 210 15.30 2.69 -2.66
N LYS A 211 16.47 3.11 -3.12
CA LYS A 211 17.65 3.10 -2.27
C LYS A 211 17.38 3.94 -1.03
N ARG A 212 16.87 5.15 -1.22
CA ARG A 212 16.64 6.04 -0.08
C ARG A 212 15.59 5.46 0.88
N GLU A 213 14.51 4.94 0.35
CA GLU A 213 13.49 4.42 1.23
C GLU A 213 14.01 3.16 1.92
N ILE A 214 14.59 2.24 1.16
CA ILE A 214 15.13 1.00 1.75
C ILE A 214 16.21 1.27 2.81
N GLU A 215 17.00 2.33 2.63
CA GLU A 215 18.00 2.76 3.63
C GLU A 215 17.37 3.19 4.97
N LYS A 216 16.19 3.80 4.93
CA LYS A 216 15.46 4.14 6.15
C LYS A 216 14.99 2.87 6.83
N ILE A 217 14.50 1.94 6.04
CA ILE A 217 14.04 0.69 6.62
C ILE A 217 15.18 0.05 7.38
N LEU A 218 16.35 0.00 6.76
CA LEU A 218 17.53 -0.60 7.37
C LEU A 218 17.88 0.10 8.66
N LYS A 219 17.86 1.43 8.68
CA LYS A 219 18.14 2.17 9.92
C LYS A 219 17.09 1.84 10.96
N PHE A 220 15.84 1.71 10.51
CA PHE A 220 14.71 1.40 11.40
C PHE A 220 14.82 0.04 12.05
N LEU A 221 15.16 -0.98 11.26
CA LEU A 221 15.30 -2.34 11.80
C LEU A 221 16.67 -2.55 12.49
N GLU A 222 17.53 -1.51 12.45
CA GLU A 222 18.89 -1.57 12.99
C GLU A 222 19.60 -2.73 12.35
N LYS A 223 19.32 -2.95 11.07
CA LYS A 223 19.94 -3.99 10.31
C LYS A 223 20.87 -3.35 9.30
N ASP A 224 21.91 -4.09 8.95
CA ASP A 224 23.03 -3.57 8.21
C ASP A 224 23.31 -4.57 7.10
N ILE A 225 23.43 -4.07 5.87
CA ILE A 225 23.50 -4.93 4.66
C ILE A 225 24.48 -4.38 3.59
N SER A 226 25.13 -5.30 2.87
CA SER A 226 26.13 -4.94 1.87
C SER A 226 25.50 -4.28 0.65
N GLU A 227 26.27 -3.40 0.02
CA GLU A 227 25.84 -2.66 -1.18
C GLU A 227 25.36 -3.64 -2.25
N GLU A 228 26.11 -4.71 -2.36
CA GLU A 228 25.86 -5.81 -3.28
C GLU A 228 24.46 -6.38 -3.07
N ILE A 229 24.14 -6.68 -1.81
CA ILE A 229 22.82 -7.24 -1.47
C ILE A 229 21.71 -6.17 -1.59
N LEU A 230 22.04 -4.94 -1.23
CA LEU A 230 21.07 -3.83 -1.33
C LEU A 230 20.64 -3.61 -2.79
N ASN A 231 21.60 -3.64 -3.71
CA ASN A 231 21.24 -3.52 -5.12
C ASN A 231 20.46 -4.74 -5.60
N LYS A 232 20.79 -5.92 -5.06
CA LYS A 232 20.03 -7.14 -5.38
C LYS A 232 18.56 -6.99 -4.99
N ILE A 233 18.30 -6.40 -3.83
CA ILE A 233 16.92 -6.18 -3.36
C ILE A 233 16.14 -5.21 -4.25
N ILE A 234 16.83 -4.16 -4.67
CA ILE A 234 16.25 -3.17 -5.54
C ILE A 234 15.87 -3.84 -6.84
N TYR A 235 16.76 -4.63 -7.38
CA TYR A 235 16.46 -5.36 -8.61
C TYR A 235 15.30 -6.34 -8.37
N HIS A 236 15.44 -7.22 -7.37
CA HIS A 236 14.41 -8.24 -7.11
C HIS A 236 13.01 -7.69 -6.87
N THR A 237 12.90 -6.52 -6.24
CA THR A 237 11.61 -5.97 -5.87
C THR A 237 11.11 -4.92 -6.86
N SER A 238 11.80 -4.76 -7.97
CA SER A 238 11.31 -3.88 -9.02
C SER A 238 10.07 -4.49 -9.61
N PHE A 239 9.17 -3.64 -10.08
CA PHE A 239 7.88 -4.10 -10.68
C PHE A 239 8.06 -5.13 -11.78
N ASP A 240 8.97 -4.83 -12.73
CA ASP A 240 9.18 -5.73 -13.87
C ASP A 240 9.53 -7.14 -13.41
N VAL A 241 10.36 -7.23 -12.37
CA VAL A 241 10.85 -8.54 -11.91
C VAL A 241 9.76 -9.23 -11.12
N MET A 242 9.18 -8.55 -10.15
CA MET A 242 8.03 -9.09 -9.42
C MET A 242 6.85 -9.53 -10.31
N LYS A 243 6.60 -8.81 -11.40
CA LYS A 243 5.53 -9.19 -12.32
C LYS A 243 5.74 -10.58 -12.95
N GLN A 244 6.99 -10.98 -13.16
CA GLN A 244 7.28 -12.32 -13.75
C GLN A 244 7.51 -13.42 -12.71
N ASN A 245 7.36 -13.07 -11.44
CA ASN A 245 7.62 -13.97 -10.35
C ASN A 245 6.31 -14.62 -9.86
N PRO A 246 6.12 -15.92 -10.18
CA PRO A 246 4.91 -16.69 -9.79
C PRO A 246 4.62 -16.68 -8.30
N MET A 247 5.67 -16.64 -7.49
CA MET A 247 5.53 -16.61 -6.04
C MET A 247 4.88 -15.35 -5.55
N THR A 248 4.99 -14.28 -6.35
CA THR A 248 4.45 -12.97 -5.93
C THR A 248 3.39 -12.36 -6.85
N ASN A 249 3.31 -12.76 -8.13
CA ASN A 249 2.38 -12.04 -9.03
C ASN A 249 0.89 -12.49 -8.96
N TYR A 250 0.58 -13.44 -8.06
CA TYR A 250 -0.79 -14.01 -7.87
C TYR A 250 -1.33 -14.72 -9.11
N THR A 251 -0.44 -15.14 -10.00
CA THR A 251 -0.85 -15.96 -11.14
C THR A 251 -0.95 -17.45 -10.75
N THR A 252 -0.53 -17.79 -9.53
CA THR A 252 -0.71 -19.16 -9.02
C THR A 252 -2.03 -19.30 -8.28
N LEU A 253 -3.04 -18.57 -8.75
CA LEU A 253 -4.39 -18.71 -8.28
C LEU A 253 -5.26 -18.90 -9.51
N PRO A 254 -6.36 -19.67 -9.37
CA PRO A 254 -7.18 -19.95 -10.54
C PRO A 254 -7.82 -18.71 -11.15
N THR A 255 -7.87 -18.70 -12.48
CA THR A 255 -8.54 -17.66 -13.25
C THR A 255 -9.89 -17.23 -12.65
N SER A 256 -10.59 -18.16 -11.98
CA SER A 256 -11.91 -17.87 -11.43
C SER A 256 -11.91 -17.15 -10.05
N ILE A 257 -10.73 -16.91 -9.48
CA ILE A 257 -10.61 -16.08 -8.24
C ILE A 257 -9.97 -14.74 -8.56
N MET A 258 -8.93 -14.80 -9.39
CA MET A 258 -8.35 -13.64 -10.03
C MET A 258 -8.12 -13.96 -11.51
N ASP A 259 -8.87 -13.31 -12.40
CA ASP A 259 -8.63 -13.44 -13.85
C ASP A 259 -7.73 -12.30 -14.30
N HIS A 260 -6.52 -12.62 -14.73
CA HIS A 260 -5.53 -11.60 -15.10
C HIS A 260 -5.76 -11.06 -16.52
N SER A 261 -6.59 -11.74 -17.31
CA SER A 261 -7.02 -11.23 -18.64
C SER A 261 -7.90 -9.96 -18.54
N ILE A 262 -8.58 -9.78 -17.40
CA ILE A 262 -9.41 -8.59 -17.15
C ILE A 262 -8.49 -7.46 -16.73
N SER A 263 -7.73 -7.71 -15.67
CA SER A 263 -6.70 -6.81 -15.21
C SER A 263 -5.69 -7.58 -14.38
N PRO A 264 -4.40 -7.58 -14.81
CA PRO A 264 -3.36 -8.23 -14.00
C PRO A 264 -3.32 -7.68 -12.58
N PHE A 265 -2.97 -8.53 -11.61
CA PHE A 265 -2.79 -8.05 -10.27
C PHE A 265 -1.61 -7.09 -10.24
N MET A 266 -0.52 -7.47 -10.90
CA MET A 266 0.60 -6.56 -11.17
C MET A 266 0.28 -5.76 -12.42
N ARG A 267 -0.42 -4.65 -12.26
CA ARG A 267 -1.07 -3.96 -13.40
C ARG A 267 -0.10 -3.01 -14.14
N LYS A 268 0.22 -1.86 -13.51
CA LYS A 268 1.17 -0.88 -14.08
C LYS A 268 2.27 -0.52 -13.08
N GLY A 269 1.94 -0.40 -11.80
CA GLY A 269 2.92 -0.06 -10.76
C GLY A 269 3.54 1.32 -10.95
N MET A 270 2.76 2.27 -11.44
CA MET A 270 3.28 3.61 -11.81
C MET A 270 2.51 4.73 -11.15
N PRO A 271 3.17 5.52 -10.31
CA PRO A 271 2.54 6.76 -9.89
C PRO A 271 2.10 7.64 -11.06
N GLY A 272 0.88 8.19 -10.95
CA GLY A 272 0.36 9.08 -11.99
C GLY A 272 -0.48 8.35 -13.02
N ASP A 273 -0.55 7.03 -12.91
CA ASP A 273 -1.36 6.25 -13.83
C ASP A 273 -2.84 6.66 -13.82
N TRP A 274 -3.32 7.16 -12.68
CA TRP A 274 -4.68 7.63 -12.52
C TRP A 274 -5.08 8.69 -13.56
N LYS A 275 -4.10 9.48 -14.02
CA LYS A 275 -4.34 10.49 -15.04
C LYS A 275 -4.88 9.91 -16.35
N ASN A 276 -4.63 8.61 -16.60
CA ASN A 276 -5.20 7.91 -17.76
C ASN A 276 -6.67 7.50 -17.60
N TYR A 277 -7.25 7.75 -16.41
CA TYR A 277 -8.63 7.33 -16.10
C TYR A 277 -9.52 8.43 -15.54
N PHE A 278 -8.98 9.32 -14.71
CA PHE A 278 -9.75 10.48 -14.24
C PHE A 278 -9.98 11.44 -15.41
N THR A 279 -11.23 11.82 -15.65
CA THR A 279 -11.49 12.94 -16.50
C THR A 279 -11.13 14.19 -15.70
N VAL A 280 -10.98 15.30 -16.42
CA VAL A 280 -10.58 16.52 -15.78
C VAL A 280 -11.65 16.85 -14.76
N ALA A 281 -12.92 16.61 -15.11
CA ALA A 281 -14.05 16.91 -14.20
C ALA A 281 -14.07 15.98 -13.00
N GLN A 282 -13.81 14.70 -13.21
CA GLN A 282 -13.70 13.78 -12.08
C GLN A 282 -12.59 14.29 -11.14
N ASN A 283 -11.51 14.81 -11.70
CA ASN A 283 -10.37 15.23 -10.91
C ASN A 283 -10.66 16.50 -10.09
N GLU A 284 -11.33 17.46 -10.69
CA GLU A 284 -11.71 18.68 -9.96
C GLU A 284 -12.67 18.38 -8.80
N GLU A 285 -13.52 17.38 -8.99
CA GLU A 285 -14.48 16.93 -7.97
C GLU A 285 -13.71 16.30 -6.83
N PHE A 286 -12.76 15.43 -7.17
CA PHE A 286 -11.87 14.81 -6.20
C PHE A 286 -11.10 15.81 -5.35
N ASP A 287 -10.51 16.81 -5.99
CA ASP A 287 -9.64 17.73 -5.25
C ASP A 287 -10.47 18.52 -4.23
N LYS A 288 -11.69 18.86 -4.61
CA LYS A 288 -12.63 19.55 -3.70
C LYS A 288 -13.07 18.67 -2.50
N ASP A 289 -13.30 17.37 -2.70
CA ASP A 289 -13.65 16.47 -1.56
C ASP A 289 -12.40 16.26 -0.70
N TYR A 290 -11.29 15.92 -1.35
CA TYR A 290 -10.02 15.68 -0.65
C TYR A 290 -9.60 16.81 0.28
N GLN A 291 -9.62 18.06 -0.21
CA GLN A 291 -9.25 19.22 0.61
C GLN A 291 -10.10 19.22 1.91
N LYS A 292 -11.44 19.26 1.77
CA LYS A 292 -12.35 19.07 2.91
C LYS A 292 -11.87 17.93 3.82
N LYS A 293 -11.89 16.70 3.33
CA LYS A 293 -11.59 15.54 4.16
C LYS A 293 -10.16 15.49 4.74
N MET A 294 -9.30 16.44 4.38
CA MET A 294 -7.95 16.47 4.94
C MET A 294 -7.65 17.85 5.48
N ALA A 295 -7.41 17.97 6.79
CA ALA A 295 -7.15 19.28 7.44
C ALA A 295 -6.73 19.14 8.91
N SER A 297 -4.54 16.61 9.43
CA SER A 297 -3.54 16.10 8.47
C SER A 297 -2.57 17.17 7.87
N THR A 298 -1.33 17.13 8.39
CA THR A 298 -0.12 17.56 7.68
C THR A 298 0.38 16.41 6.77
N LEU A 299 -0.49 15.48 6.42
CA LEU A 299 -0.18 14.41 5.48
C LEU A 299 -0.22 14.99 4.07
N THR A 300 0.89 14.89 3.33
CA THR A 300 0.91 15.24 1.92
C THR A 300 1.35 14.06 1.06
N PHE A 301 0.92 14.08 -0.21
CA PHE A 301 1.27 13.05 -1.18
C PHE A 301 1.78 13.64 -2.49
N ARG A 302 2.53 12.83 -3.21
CA ARG A 302 2.83 13.01 -4.60
C ARG A 302 1.77 12.26 -5.38
N THR A 303 1.28 12.87 -6.45
CA THR A 303 0.38 12.17 -7.37
C THR A 303 1.09 11.87 -8.70
N GLU A 304 2.41 12.13 -8.72
CA GLU A 304 3.26 11.84 -9.86
C GLU A 304 4.68 11.65 -9.37
N ILE A 305 5.56 11.16 -10.25
CA ILE A 305 6.99 11.14 -9.96
C ILE A 305 7.81 11.61 -11.17
P1 A3P B . -1.47 -0.96 -9.67
O1P A3P B . -1.74 0.49 -9.54
O2P A3P B . -0.35 -1.30 -10.61
O3P A3P B . -2.75 -1.72 -9.87
P2 A3P B . -1.25 -4.28 -2.75
O4P A3P B . -1.24 -3.53 -1.43
O5P A3P B . -0.13 -5.30 -2.84
O6P A3P B . -2.61 -4.77 -3.23
O5' A3P B . -0.96 -3.19 -3.91
C5' A3P B . -1.04 -3.62 -5.28
C4' A3P B . -0.61 -2.49 -6.14
O4' A3P B . 0.79 -2.37 -5.93
C3' A3P B . -0.82 -2.68 -7.63
O3' A3P B . -1.00 -1.38 -8.20
C2' A3P B . 0.49 -3.27 -8.05
O2' A3P B . 0.81 -3.12 -9.43
C1' A3P B . 1.44 -2.48 -7.19
N9 A3P B . 2.73 -3.17 -7.10
C8 A3P B . 2.89 -4.48 -6.81
N7 A3P B . 4.21 -4.80 -6.82
C5 A3P B . 4.87 -3.66 -7.12
C6 A3P B . 6.26 -3.31 -7.28
N6 A3P B . 7.19 -4.31 -7.10
N1 A3P B . 6.57 -2.02 -7.58
C2 A3P B . 5.62 -1.08 -7.76
N3 A3P B . 4.31 -1.35 -7.61
C4 A3P B . 3.89 -2.60 -7.30
#